data_4Z18
#
_entry.id   4Z18
#
_cell.length_a   72.030
_cell.length_b   91.480
_cell.length_c   135.735
_cell.angle_alpha   90.00
_cell.angle_beta   90.00
_cell.angle_gamma   90.00
#
_symmetry.space_group_name_H-M   'C 2 2 21'
#
loop_
_entity.id
_entity.type
_entity.pdbx_description
1 polymer 'Programmed cell death 1 ligand 1'
2 non-polymer 'CHLORIDE ION'
3 water water
#
_entity_poly.entity_id   1
_entity_poly.type   'polypeptide(L)'
_entity_poly.pdbx_seq_one_letter_code
;MFTVTVPKDLYVVEYGSNMTIECKFPVEKQLDLAALIVYWEMEDKNIIQFVHGEEDLKVQHSSYRQRARLLKDQLSLGNA
ALQITDVKLQDAGVYRCMISYGGADYKRITVKVNAPYNKINQRILVVDPVTSEHELTCQAEGYPKAEVIWTSSDHQVLSG
KTTTTNSKREEKLFNVTSTLRINTTTNEIFYCTFRRLDPEENHTAELVIPELPLAHPPNERT
;
_entity_poly.pdbx_strand_id   A,B
#
loop_
_chem_comp.id
_chem_comp.type
_chem_comp.name
_chem_comp.formula
CL non-polymer 'CHLORIDE ION' 'Cl -1'
#
# COMPACT_ATOMS: atom_id res chain seq x y z
N PHE A 2 -12.07 7.47 -37.71
CA PHE A 2 -11.71 7.90 -36.37
C PHE A 2 -12.60 7.22 -35.35
N THR A 3 -12.01 6.43 -34.48
CA THR A 3 -12.75 5.86 -33.36
C THR A 3 -11.92 5.95 -32.09
N VAL A 4 -12.55 6.37 -31.01
CA VAL A 4 -11.92 6.34 -29.70
C VAL A 4 -12.09 4.94 -29.11
N THR A 5 -11.00 4.35 -28.64
CA THR A 5 -11.03 3.00 -28.10
C THR A 5 -10.63 3.00 -26.62
N VAL A 6 -11.23 2.10 -25.85
CA VAL A 6 -10.91 2.03 -24.45
C VAL A 6 -10.25 0.69 -24.11
N PRO A 7 -9.04 0.75 -23.54
CA PRO A 7 -8.28 -0.45 -23.18
C PRO A 7 -9.14 -1.34 -22.30
N LYS A 8 -9.71 -0.73 -21.27
CA LYS A 8 -10.53 -1.43 -20.31
C LYS A 8 -11.85 -0.68 -20.12
N ASP A 9 -12.94 -1.43 -20.18
CA ASP A 9 -14.29 -0.91 -19.99
C ASP A 9 -14.63 -0.71 -18.51
N LEU A 10 -13.93 -1.44 -17.64
CA LEU A 10 -14.26 -1.50 -16.24
C LEU A 10 -13.01 -1.35 -15.40
N TYR A 11 -13.01 -0.40 -14.48
CA TYR A 11 -11.91 -0.28 -13.54
C TYR A 11 -12.40 -0.57 -12.13
N VAL A 12 -11.61 -1.32 -11.38
CA VAL A 12 -11.84 -1.47 -9.97
C VAL A 12 -10.70 -0.77 -9.28
N VAL A 13 -11.04 0.17 -8.40
CA VAL A 13 -10.06 1.09 -7.85
C VAL A 13 -10.06 1.03 -6.32
N GLU A 14 -8.88 1.15 -5.74
CA GLU A 14 -8.75 1.10 -4.28
C GLU A 14 -8.92 2.47 -3.64
N TYR A 15 -9.80 2.53 -2.64
CA TYR A 15 -10.00 3.71 -1.80
C TYR A 15 -8.68 4.37 -1.42
N GLY A 16 -8.60 5.68 -1.63
CA GLY A 16 -7.43 6.43 -1.23
C GLY A 16 -6.26 6.44 -2.20
N SER A 17 -6.35 5.66 -3.28
CA SER A 17 -5.27 5.66 -4.27
C SER A 17 -5.53 6.72 -5.33
N ASN A 18 -4.62 6.81 -6.29
CA ASN A 18 -4.84 7.60 -7.48
C ASN A 18 -5.32 6.67 -8.57
N MET A 19 -6.24 7.16 -9.38
CA MET A 19 -6.85 6.37 -10.45
C MET A 19 -6.51 7.01 -11.80
N THR A 20 -6.19 6.19 -12.79
CA THR A 20 -5.93 6.70 -14.13
C THR A 20 -6.70 5.86 -15.15
N ILE A 21 -7.68 6.49 -15.79
CA ILE A 21 -8.48 5.79 -16.78
C ILE A 21 -8.25 6.42 -18.16
N GLU A 22 -8.33 5.61 -19.20
CA GLU A 22 -7.84 6.05 -20.51
C GLU A 22 -8.82 5.87 -21.67
N CYS A 23 -8.77 6.83 -22.60
CA CYS A 23 -9.41 6.75 -23.90
C CYS A 23 -8.36 6.99 -24.96
N LYS A 24 -8.20 6.03 -25.86
CA LYS A 24 -7.19 6.14 -26.90
C LYS A 24 -7.80 6.59 -28.23
N PHE A 25 -6.98 7.25 -29.03
CA PHE A 25 -7.42 7.83 -30.29
C PHE A 25 -6.21 7.93 -31.23
N PRO A 26 -6.44 7.85 -32.55
CA PRO A 26 -5.37 7.81 -33.56
C PRO A 26 -4.45 9.03 -33.59
N VAL A 27 -3.12 8.79 -33.56
CA VAL A 27 -2.13 9.86 -33.78
C VAL A 27 -0.96 9.36 -34.64
N GLU A 28 -0.93 9.76 -35.91
CA GLU A 28 0.15 9.34 -36.81
C GLU A 28 1.32 10.32 -36.86
N LYS A 29 1.01 11.59 -37.11
CA LYS A 29 2.04 12.63 -37.18
C LYS A 29 2.48 13.02 -35.78
N GLN A 30 2.73 14.31 -35.59
CA GLN A 30 2.92 14.84 -34.25
C GLN A 30 1.63 15.49 -33.82
N LEU A 31 1.45 15.61 -32.52
CA LEU A 31 0.22 16.15 -31.97
C LEU A 31 0.00 17.61 -32.36
N ASP A 32 -1.15 17.88 -32.96
CA ASP A 32 -1.56 19.23 -33.29
C ASP A 32 -2.52 19.70 -32.20
N LEU A 33 -1.99 20.41 -31.21
CA LEU A 33 -2.76 20.79 -30.03
C LEU A 33 -3.95 21.71 -30.34
N ALA A 34 -3.79 22.58 -31.34
CA ALA A 34 -4.83 23.55 -31.61
C ALA A 34 -6.08 22.92 -32.25
N ALA A 35 -5.95 21.69 -32.73
CA ALA A 35 -7.08 21.02 -33.36
C ALA A 35 -7.72 19.97 -32.44
N LEU A 36 -7.16 19.81 -31.24
CA LEU A 36 -7.59 18.75 -30.34
C LEU A 36 -8.55 19.26 -29.28
N ILE A 37 -9.60 18.48 -29.02
CA ILE A 37 -10.42 18.71 -27.83
C ILE A 37 -10.51 17.41 -27.07
N VAL A 38 -10.28 17.48 -25.76
CA VAL A 38 -10.47 16.33 -24.92
C VAL A 38 -11.42 16.78 -23.82
N TYR A 39 -12.38 15.93 -23.50
CA TYR A 39 -13.42 16.28 -22.55
C TYR A 39 -13.68 15.03 -21.73
N TRP A 40 -13.74 15.20 -20.42
CA TRP A 40 -14.04 14.11 -19.53
C TRP A 40 -15.18 14.56 -18.63
N GLU A 41 -16.07 13.62 -18.30
CA GLU A 41 -17.32 13.94 -17.67
C GLU A 41 -17.74 12.74 -16.84
N MET A 42 -18.46 12.98 -15.74
N MET A 42 -18.50 12.98 -15.76
CA MET A 42 -19.14 11.89 -15.06
CA MET A 42 -19.10 11.90 -14.99
C MET A 42 -20.39 12.43 -14.40
C MET A 42 -20.36 12.37 -14.29
N GLU A 43 -21.49 11.71 -14.58
CA GLU A 43 -22.80 12.11 -14.06
C GLU A 43 -23.08 13.58 -14.39
N ASP A 44 -22.66 13.98 -15.58
CA ASP A 44 -22.90 15.32 -16.13
C ASP A 44 -22.16 16.45 -15.39
N LYS A 45 -21.15 16.08 -14.61
CA LYS A 45 -20.25 17.04 -14.01
C LYS A 45 -18.97 17.08 -14.84
N ASN A 46 -18.60 18.26 -15.34
CA ASN A 46 -17.32 18.38 -16.02
C ASN A 46 -16.16 18.06 -15.12
N ILE A 47 -15.26 17.22 -15.62
CA ILE A 47 -14.02 16.91 -14.92
C ILE A 47 -12.86 17.66 -15.61
N ILE A 48 -12.77 17.51 -16.92
CA ILE A 48 -11.69 18.09 -17.68
C ILE A 48 -12.16 18.57 -19.04
N GLN A 49 -11.80 19.80 -19.40
CA GLN A 49 -11.98 20.25 -20.77
C GLN A 49 -10.66 20.78 -21.31
N PHE A 50 -10.11 20.07 -22.29
CA PHE A 50 -8.77 20.38 -22.78
C PHE A 50 -8.83 20.89 -24.19
N VAL A 51 -8.54 22.18 -24.35
CA VAL A 51 -8.64 22.82 -25.65
C VAL A 51 -7.49 23.82 -25.80
N HIS A 52 -6.97 23.92 -27.01
CA HIS A 52 -5.79 24.76 -27.30
C HIS A 52 -4.64 24.44 -26.36
N GLY A 53 -4.36 23.15 -26.20
CA GLY A 53 -3.22 22.70 -25.42
C GLY A 53 -3.29 22.95 -23.93
N GLU A 54 -4.45 23.35 -23.41
CA GLU A 54 -4.56 23.63 -21.99
C GLU A 54 -5.86 23.15 -21.39
N GLU A 55 -5.87 23.03 -20.06
CA GLU A 55 -7.10 22.71 -19.32
C GLU A 55 -7.92 23.98 -19.07
N ASP A 56 -9.21 23.88 -19.36
CA ASP A 56 -10.13 25.02 -19.28
C ASP A 56 -10.83 24.95 -17.93
N LEU A 57 -10.21 25.54 -16.90
CA LEU A 57 -10.64 25.26 -15.53
C LEU A 57 -11.98 25.87 -15.11
N LYS A 58 -12.34 27.03 -15.66
CA LYS A 58 -13.61 27.68 -15.28
C LYS A 58 -14.84 26.75 -15.37
N VAL A 59 -14.76 25.73 -16.23
CA VAL A 59 -15.89 24.86 -16.54
C VAL A 59 -15.92 23.64 -15.64
N GLN A 60 -14.78 23.34 -15.02
CA GLN A 60 -14.63 22.18 -14.17
C GLN A 60 -15.48 22.24 -12.89
N HIS A 61 -16.24 21.19 -12.64
CA HIS A 61 -17.04 21.10 -11.44
C HIS A 61 -16.14 21.23 -10.21
N SER A 62 -16.56 22.03 -9.23
CA SER A 62 -15.75 22.27 -8.03
C SER A 62 -15.37 20.96 -7.34
N SER A 63 -16.24 19.97 -7.44
CA SER A 63 -15.97 18.63 -6.89
C SER A 63 -14.66 18.00 -7.38
N TYR A 64 -14.10 18.52 -8.46
CA TYR A 64 -12.86 17.96 -9.04
C TYR A 64 -11.70 18.94 -8.94
N ARG A 65 -11.94 20.07 -8.30
CA ARG A 65 -10.90 21.08 -8.17
C ARG A 65 -9.69 20.51 -7.43
N GLN A 66 -8.52 20.59 -8.05
CA GLN A 66 -7.27 20.07 -7.51
C GLN A 66 -7.26 18.56 -7.21
N ARG A 67 -8.26 17.85 -7.73
CA ARG A 67 -8.31 16.39 -7.65
C ARG A 67 -7.97 15.75 -9.00
N ALA A 68 -8.24 16.47 -10.08
CA ALA A 68 -8.20 15.86 -11.41
C ALA A 68 -7.19 16.53 -12.33
N ARG A 69 -6.58 15.73 -13.20
CA ARG A 69 -5.76 16.29 -14.28
C ARG A 69 -5.63 15.34 -15.47
N LEU A 70 -5.32 15.92 -16.61
CA LEU A 70 -5.05 15.18 -17.83
C LEU A 70 -3.54 15.03 -17.94
N LEU A 71 -3.08 13.81 -18.12
CA LEU A 71 -1.65 13.55 -18.29
C LEU A 71 -1.22 14.01 -19.69
N LYS A 72 -0.53 15.14 -19.73
CA LYS A 72 -0.18 15.82 -20.99
C LYS A 72 0.72 14.98 -21.90
N ASP A 73 1.73 14.37 -21.30
CA ASP A 73 2.70 13.52 -22.00
C ASP A 73 2.02 12.45 -22.84
N GLN A 74 1.06 11.76 -22.23
CA GLN A 74 0.37 10.66 -22.86
C GLN A 74 -0.43 11.04 -24.12
N LEU A 75 -0.72 12.33 -24.28
CA LEU A 75 -1.50 12.78 -25.43
C LEU A 75 -0.76 12.56 -26.75
N SER A 76 0.53 12.84 -26.78
CA SER A 76 1.34 12.68 -27.99
C SER A 76 1.28 11.25 -28.51
N LEU A 77 1.07 10.31 -27.59
CA LEU A 77 1.00 8.89 -27.91
C LEU A 77 -0.40 8.44 -28.35
N GLY A 78 -1.37 9.35 -28.29
CA GLY A 78 -2.74 9.02 -28.64
C GLY A 78 -3.56 8.50 -27.46
N ASN A 79 -3.15 8.87 -26.26
CA ASN A 79 -3.83 8.45 -25.04
C ASN A 79 -4.31 9.63 -24.20
N ALA A 80 -5.62 9.76 -24.09
CA ALA A 80 -6.23 10.68 -23.15
C ALA A 80 -6.35 9.97 -21.81
N ALA A 81 -5.45 10.29 -20.89
CA ALA A 81 -5.40 9.61 -19.62
C ALA A 81 -5.76 10.56 -18.48
N LEU A 82 -6.87 10.28 -17.82
CA LEU A 82 -7.40 11.14 -16.79
C LEU A 82 -6.96 10.59 -15.46
N GLN A 83 -6.26 11.40 -14.68
CA GLN A 83 -5.84 10.96 -13.35
C GLN A 83 -6.58 11.72 -12.27
N ILE A 84 -7.18 10.98 -11.34
CA ILE A 84 -7.89 11.55 -10.21
C ILE A 84 -7.27 11.06 -8.91
N THR A 85 -6.91 11.99 -8.05
CA THR A 85 -6.18 11.65 -6.83
C THR A 85 -7.09 11.43 -5.63
N ASP A 86 -6.63 10.59 -4.72
CA ASP A 86 -7.33 10.32 -3.46
C ASP A 86 -8.75 9.84 -3.71
N VAL A 87 -8.86 8.66 -4.30
CA VAL A 87 -10.15 8.15 -4.73
C VAL A 87 -11.09 7.85 -3.57
N LYS A 88 -12.31 8.37 -3.67
CA LYS A 88 -13.29 8.15 -2.64
C LYS A 88 -14.33 7.18 -3.18
N LEU A 89 -15.13 6.65 -2.27
CA LEU A 89 -16.23 5.77 -2.61
C LEU A 89 -17.17 6.44 -3.62
N GLN A 90 -17.31 7.76 -3.48
CA GLN A 90 -18.21 8.57 -4.31
C GLN A 90 -17.76 8.66 -5.76
N ASP A 91 -16.53 8.25 -6.04
CA ASP A 91 -15.97 8.33 -7.41
C ASP A 91 -16.34 7.14 -8.26
N ALA A 92 -17.03 6.16 -7.68
CA ALA A 92 -17.56 5.07 -8.49
C ALA A 92 -18.66 5.63 -9.37
N GLY A 93 -18.68 5.17 -10.62
CA GLY A 93 -19.72 5.57 -11.54
C GLY A 93 -19.31 5.43 -12.99
N VAL A 94 -20.06 6.08 -13.87
CA VAL A 94 -19.79 6.00 -15.30
C VAL A 94 -19.12 7.26 -15.84
N TYR A 95 -17.88 7.12 -16.29
CA TYR A 95 -17.12 8.23 -16.86
C TYR A 95 -17.27 8.23 -18.36
N ARG A 96 -17.38 9.42 -18.94
CA ARG A 96 -17.45 9.55 -20.39
C ARG A 96 -16.35 10.45 -20.90
N CYS A 97 -15.63 9.98 -21.91
CA CYS A 97 -14.64 10.80 -22.58
C CYS A 97 -15.09 11.09 -24.01
N MET A 98 -14.76 12.27 -24.47
CA MET A 98 -15.09 12.64 -25.81
C MET A 98 -13.89 13.32 -26.41
N ILE A 99 -13.41 12.80 -27.53
CA ILE A 99 -12.20 13.28 -28.15
C ILE A 99 -12.52 13.80 -29.55
N SER A 100 -12.02 14.99 -29.85
CA SER A 100 -12.13 15.54 -31.20
C SER A 100 -10.75 15.85 -31.76
N TYR A 101 -10.43 15.21 -32.88
CA TYR A 101 -9.10 15.28 -33.46
C TYR A 101 -9.11 14.59 -34.82
N GLY A 102 -9.48 15.33 -35.86
CA GLY A 102 -9.58 14.79 -37.21
C GLY A 102 -10.79 13.87 -37.35
N GLY A 103 -11.71 14.01 -36.40
CA GLY A 103 -12.88 13.15 -36.26
C GLY A 103 -13.37 13.28 -34.84
N ALA A 104 -14.54 12.72 -34.54
CA ALA A 104 -15.07 12.80 -33.19
C ALA A 104 -15.69 11.48 -32.74
N ASP A 105 -15.39 11.08 -31.50
CA ASP A 105 -15.97 9.87 -30.92
C ASP A 105 -15.99 9.95 -29.40
N TYR A 106 -16.72 9.05 -28.77
CA TYR A 106 -16.82 9.03 -27.32
C TYR A 106 -16.89 7.58 -26.83
N LYS A 107 -16.45 7.36 -25.61
CA LYS A 107 -16.63 6.08 -24.93
C LYS A 107 -17.06 6.27 -23.47
N ARG A 108 -17.53 5.20 -22.87
CA ARG A 108 -17.97 5.21 -21.50
C ARG A 108 -17.15 4.20 -20.72
N ILE A 109 -16.71 4.59 -19.52
CA ILE A 109 -15.91 3.72 -18.68
C ILE A 109 -16.54 3.59 -17.30
N THR A 110 -16.73 2.35 -16.85
CA THR A 110 -17.24 2.12 -15.50
C THR A 110 -16.13 2.02 -14.45
N VAL A 111 -16.25 2.81 -13.39
CA VAL A 111 -15.33 2.73 -12.27
C VAL A 111 -16.02 2.20 -11.02
N LYS A 112 -15.38 1.21 -10.40
CA LYS A 112 -15.86 0.67 -9.15
C LYS A 112 -14.80 0.94 -8.10
N VAL A 113 -15.24 1.32 -6.91
CA VAL A 113 -14.31 1.60 -5.83
C VAL A 113 -14.59 0.70 -4.64
N ASN A 114 -13.54 0.06 -4.13
CA ASN A 114 -13.66 -0.63 -2.84
C ASN A 114 -12.49 -0.25 -1.95
N ALA A 115 -12.73 -0.31 -0.64
CA ALA A 115 -11.70 -0.05 0.36
C ALA A 115 -11.26 -1.38 0.94
N PRO A 116 -10.09 -1.87 0.51
CA PRO A 116 -9.66 -3.19 0.99
C PRO A 116 -9.13 -3.09 2.43
N TYR A 117 -9.20 -4.20 3.16
CA TYR A 117 -8.63 -4.28 4.51
C TYR A 117 -7.17 -4.70 4.44
N ASN A 118 -6.35 -3.95 3.69
CA ASN A 118 -4.94 -4.28 3.52
C ASN A 118 -3.98 -3.49 4.40
N LYS A 119 -4.51 -2.51 5.13
CA LYS A 119 -3.70 -1.79 6.09
C LYS A 119 -4.07 -2.31 7.46
N ILE A 120 -3.34 -3.32 7.91
CA ILE A 120 -3.66 -4.03 9.14
C ILE A 120 -2.71 -3.66 10.28
N ASN A 121 -3.27 -3.08 11.33
N ASN A 121 -3.26 -3.02 11.31
CA ASN A 121 -2.48 -2.71 12.50
CA ASN A 121 -2.50 -2.72 12.52
C ASN A 121 -2.50 -3.86 13.52
C ASN A 121 -2.50 -3.95 13.41
N GLN A 122 -1.32 -4.32 13.91
CA GLN A 122 -1.25 -5.46 14.81
C GLN A 122 -0.57 -5.08 16.13
N ARG A 123 -0.95 -5.80 17.18
CA ARG A 123 -0.31 -5.60 18.46
C ARG A 123 -0.50 -6.85 19.30
N ILE A 124 0.41 -7.08 20.23
CA ILE A 124 0.47 -8.31 20.97
C ILE A 124 0.76 -7.97 22.41
N LEU A 125 -0.08 -8.46 23.31
CA LEU A 125 0.04 -8.20 24.75
C LEU A 125 0.39 -9.49 25.42
N VAL A 126 1.50 -9.52 26.16
CA VAL A 126 1.79 -10.66 27.00
C VAL A 126 1.00 -10.52 28.30
N VAL A 127 -0.02 -11.36 28.45
CA VAL A 127 -0.93 -11.26 29.58
C VAL A 127 -0.29 -11.82 30.86
N ASP A 128 0.26 -13.02 30.75
CA ASP A 128 0.86 -13.71 31.89
C ASP A 128 1.95 -14.64 31.38
N PRO A 129 3.22 -14.28 31.62
CA PRO A 129 4.32 -15.08 31.09
C PRO A 129 4.36 -16.47 31.72
N VAL A 130 3.77 -16.59 32.91
CA VAL A 130 3.71 -17.85 33.61
C VAL A 130 2.90 -18.88 32.82
N THR A 131 1.70 -18.50 32.40
CA THR A 131 0.85 -19.38 31.60
C THR A 131 1.08 -19.22 30.10
N SER A 132 1.97 -18.30 29.74
CA SER A 132 2.24 -17.96 28.35
C SER A 132 1.00 -17.45 27.62
N GLU A 133 0.08 -16.85 28.36
CA GLU A 133 -1.13 -16.33 27.74
C GLU A 133 -0.85 -15.04 27.02
N HIS A 134 -1.11 -15.03 25.70
CA HIS A 134 -1.02 -13.80 24.94
C HIS A 134 -2.37 -13.38 24.41
N GLU A 135 -2.46 -12.11 24.05
CA GLU A 135 -3.64 -11.54 23.45
C GLU A 135 -3.24 -10.79 22.19
N LEU A 136 -3.61 -11.36 21.04
CA LEU A 136 -3.22 -10.82 19.74
C LEU A 136 -4.37 -10.04 19.15
N THR A 137 -4.09 -8.87 18.60
CA THR A 137 -5.13 -8.03 18.07
C THR A 137 -4.78 -7.58 16.65
N CYS A 138 -5.73 -7.69 15.73
CA CYS A 138 -5.56 -7.13 14.39
C CYS A 138 -6.70 -6.16 14.12
N GLN A 139 -6.39 -4.99 13.56
CA GLN A 139 -7.45 -4.05 13.17
C GLN A 139 -7.23 -3.44 11.79
N ALA A 140 -8.33 -3.18 11.09
CA ALA A 140 -8.27 -2.52 9.77
C ALA A 140 -9.62 -1.88 9.44
N GLU A 141 -9.64 -0.92 8.53
CA GLU A 141 -10.93 -0.44 8.08
C GLU A 141 -11.10 -0.61 6.57
N GLY A 142 -12.34 -0.61 6.14
CA GLY A 142 -12.59 -0.90 4.74
C GLY A 142 -14.08 -1.00 4.50
N TYR A 143 -14.44 -1.33 3.27
CA TYR A 143 -15.83 -1.45 2.88
C TYR A 143 -15.88 -2.34 1.65
N PRO A 144 -16.82 -3.31 1.62
CA PRO A 144 -17.78 -3.63 2.69
C PRO A 144 -17.15 -4.36 3.86
N LYS A 145 -17.97 -4.73 4.85
CA LYS A 145 -17.48 -5.40 6.05
C LYS A 145 -16.73 -6.69 5.74
N ALA A 146 -15.64 -6.90 6.47
CA ALA A 146 -14.88 -8.13 6.39
C ALA A 146 -15.01 -8.84 7.73
N GLU A 147 -14.89 -10.17 7.71
CA GLU A 147 -14.78 -10.95 8.93
C GLU A 147 -13.29 -11.13 9.21
N VAL A 148 -12.93 -11.53 10.43
CA VAL A 148 -11.56 -11.91 10.76
C VAL A 148 -11.48 -13.42 11.10
N ILE A 149 -10.60 -14.15 10.41
CA ILE A 149 -10.36 -15.55 10.70
C ILE A 149 -8.96 -15.66 11.26
N TRP A 150 -8.84 -16.19 12.48
CA TRP A 150 -7.54 -16.44 13.07
C TRP A 150 -7.13 -17.88 12.81
N THR A 151 -5.90 -18.08 12.35
CA THR A 151 -5.35 -19.43 12.22
C THR A 151 -3.97 -19.56 12.87
N SER A 152 -3.65 -20.78 13.26
CA SER A 152 -2.33 -21.18 13.76
C SER A 152 -1.41 -21.34 12.57
N SER A 153 -0.14 -21.61 12.83
CA SER A 153 0.79 -21.85 11.73
C SER A 153 0.43 -23.16 11.03
N ASP A 154 -0.35 -23.99 11.75
CA ASP A 154 -0.92 -25.25 11.27
C ASP A 154 -2.02 -25.03 10.25
N HIS A 155 -2.48 -23.78 10.12
CA HIS A 155 -3.68 -23.43 9.35
C HIS A 155 -4.98 -23.93 9.98
N GLN A 156 -4.91 -24.39 11.23
CA GLN A 156 -6.11 -24.65 12.04
C GLN A 156 -6.81 -23.34 12.41
N VAL A 157 -8.14 -23.32 12.36
CA VAL A 157 -8.89 -22.12 12.72
C VAL A 157 -9.05 -21.92 14.24
N LEU A 158 -8.81 -20.71 14.71
CA LEU A 158 -8.83 -20.45 16.13
C LEU A 158 -10.03 -19.57 16.51
N SER A 159 -10.28 -19.48 17.80
CA SER A 159 -11.41 -18.78 18.33
C SER A 159 -11.08 -17.33 18.65
N GLY A 160 -11.81 -16.39 18.06
CA GLY A 160 -11.55 -14.99 18.31
C GLY A 160 -12.79 -14.20 18.58
N LYS A 161 -12.60 -12.95 19.02
CA LYS A 161 -13.70 -12.05 19.28
C LYS A 161 -13.54 -10.83 18.37
N THR A 162 -14.50 -10.63 17.48
CA THR A 162 -14.42 -9.55 16.51
C THR A 162 -15.46 -8.50 16.77
N THR A 163 -15.06 -7.23 16.70
CA THR A 163 -15.98 -6.13 16.90
C THR A 163 -16.01 -5.24 15.67
N THR A 164 -17.22 -4.98 15.17
CA THR A 164 -17.41 -4.24 13.93
C THR A 164 -18.27 -3.03 14.17
N THR A 165 -17.77 -1.87 13.76
CA THR A 165 -18.42 -0.58 13.94
C THR A 165 -18.16 0.30 12.72
N ASN A 166 -18.91 1.39 12.61
CA ASN A 166 -18.63 2.40 11.62
C ASN A 166 -17.32 3.10 11.94
N SER A 167 -16.46 3.31 10.95
CA SER A 167 -15.22 4.04 11.18
C SER A 167 -15.48 5.45 11.70
N LYS A 168 -14.71 5.90 12.68
CA LYS A 168 -14.81 7.31 13.07
C LYS A 168 -14.04 8.23 12.13
N ARG A 169 -13.00 7.68 11.49
CA ARG A 169 -12.15 8.43 10.57
C ARG A 169 -12.90 8.74 9.29
N GLU A 170 -12.91 7.80 8.35
CA GLU A 170 -13.63 7.98 7.11
C GLU A 170 -15.03 7.41 7.18
N GLU A 171 -16.02 8.22 6.81
CA GLU A 171 -17.40 7.99 7.23
C GLU A 171 -18.02 6.65 6.83
N LYS A 172 -17.97 6.31 5.56
CA LYS A 172 -18.72 5.16 5.05
C LYS A 172 -18.05 3.80 5.30
N LEU A 173 -16.85 3.81 5.88
CA LEU A 173 -16.08 2.59 6.06
C LEU A 173 -16.39 1.91 7.39
N PHE A 174 -15.98 0.65 7.51
CA PHE A 174 -16.21 -0.12 8.72
C PHE A 174 -14.93 -0.45 9.43
N ASN A 175 -14.86 -0.12 10.73
CA ASN A 175 -13.70 -0.53 11.49
C ASN A 175 -13.94 -1.96 11.96
N VAL A 176 -12.94 -2.81 11.79
CA VAL A 176 -13.01 -4.19 12.24
C VAL A 176 -11.75 -4.49 13.03
N THR A 177 -11.94 -4.81 14.30
CA THR A 177 -10.85 -5.20 15.18
C THR A 177 -11.18 -6.57 15.74
N SER A 178 -10.17 -7.42 15.87
CA SER A 178 -10.41 -8.76 16.35
C SER A 178 -9.29 -9.19 17.29
N THR A 179 -9.66 -9.92 18.34
CA THR A 179 -8.70 -10.32 19.33
C THR A 179 -8.71 -11.82 19.60
N LEU A 180 -7.52 -12.40 19.62
CA LEU A 180 -7.35 -13.80 19.92
C LEU A 180 -6.60 -13.97 21.24
N ARG A 181 -7.17 -14.76 22.15
CA ARG A 181 -6.52 -15.11 23.41
C ARG A 181 -6.00 -16.53 23.32
N ILE A 182 -4.71 -16.72 23.56
CA ILE A 182 -4.13 -18.04 23.35
C ILE A 182 -2.86 -18.22 24.15
N ASN A 183 -2.63 -19.45 24.62
CA ASN A 183 -1.38 -19.79 25.28
C ASN A 183 -0.39 -20.29 24.26
N THR A 184 0.83 -19.74 24.28
CA THR A 184 1.75 -20.02 23.19
C THR A 184 3.15 -19.55 23.55
N THR A 185 4.12 -19.91 22.72
CA THR A 185 5.52 -19.66 23.05
C THR A 185 6.19 -18.68 22.09
N THR A 186 7.38 -18.22 22.47
CA THR A 186 8.19 -17.33 21.66
C THR A 186 8.40 -17.90 20.25
N ASN A 187 8.30 -17.02 19.25
CA ASN A 187 8.55 -17.37 17.84
C ASN A 187 7.45 -18.18 17.17
N GLU A 188 6.40 -18.52 17.90
CA GLU A 188 5.24 -19.12 17.26
C GLU A 188 4.61 -18.14 16.29
N ILE A 189 4.03 -18.67 15.23
CA ILE A 189 3.47 -17.85 14.16
C ILE A 189 1.94 -17.95 14.10
N PHE A 190 1.30 -16.79 13.98
CA PHE A 190 -0.16 -16.69 13.89
C PHE A 190 -0.57 -15.79 12.72
N TYR A 191 -1.74 -16.08 12.14
CA TYR A 191 -2.28 -15.29 11.04
C TYR A 191 -3.63 -14.69 11.39
N CYS A 192 -3.82 -13.41 11.05
CA CYS A 192 -5.15 -12.80 11.11
C CYS A 192 -5.60 -12.41 9.70
N THR A 193 -6.65 -13.07 9.21
CA THR A 193 -7.09 -12.85 7.86
C THR A 193 -8.41 -12.09 7.83
N PHE A 194 -8.38 -10.92 7.19
CA PHE A 194 -9.58 -10.15 6.89
C PHE A 194 -10.21 -10.64 5.58
N ARG A 195 -11.40 -11.22 5.69
CA ARG A 195 -12.04 -11.85 4.54
C ARG A 195 -13.38 -11.23 4.23
N ARG A 196 -13.60 -11.01 2.95
CA ARG A 196 -14.77 -10.35 2.43
C ARG A 196 -15.20 -11.26 1.28
N LEU A 197 -16.50 -11.46 1.09
CA LEU A 197 -17.02 -12.32 0.01
C LEU A 197 -17.66 -11.53 -1.16
N ASP A 198 -17.88 -12.23 -2.28
CA ASP A 198 -18.73 -11.75 -3.36
C ASP A 198 -18.28 -10.40 -3.94
N PRO A 199 -17.05 -10.34 -4.49
CA PRO A 199 -16.10 -11.43 -4.72
C PRO A 199 -15.19 -11.66 -3.51
N GLU A 200 -14.66 -12.86 -3.39
CA GLU A 200 -13.84 -13.18 -2.24
C GLU A 200 -12.49 -12.46 -2.33
N GLU A 201 -12.09 -11.89 -1.19
CA GLU A 201 -10.85 -11.13 -1.11
C GLU A 201 -10.26 -11.30 0.31
N ASN A 202 -8.95 -11.56 0.39
CA ASN A 202 -8.30 -11.86 1.66
C ASN A 202 -7.06 -10.99 1.88
N HIS A 203 -6.91 -10.47 3.09
CA HIS A 203 -5.68 -9.78 3.46
C HIS A 203 -5.27 -10.29 4.83
N THR A 204 -4.02 -10.69 4.95
CA THR A 204 -3.58 -11.40 6.13
C THR A 204 -2.31 -10.79 6.68
N ALA A 205 -2.28 -10.60 8.01
CA ALA A 205 -1.05 -10.18 8.67
C ALA A 205 -0.43 -11.36 9.37
N GLU A 206 0.89 -11.42 9.35
CA GLU A 206 1.63 -12.42 10.10
C GLU A 206 2.02 -11.84 11.46
N LEU A 207 1.69 -12.55 12.54
CA LEU A 207 2.02 -12.12 13.89
C LEU A 207 2.95 -13.15 14.51
N VAL A 208 4.11 -12.70 14.98
CA VAL A 208 5.10 -13.59 15.59
C VAL A 208 5.16 -13.30 17.08
N ILE A 209 5.07 -14.33 17.89
CA ILE A 209 5.18 -14.18 19.35
C ILE A 209 6.56 -13.71 19.76
N PRO A 210 6.62 -12.60 20.53
CA PRO A 210 7.95 -12.03 20.81
C PRO A 210 8.65 -12.70 21.98
N GLU A 211 9.88 -12.28 22.21
CA GLU A 211 10.63 -12.71 23.37
C GLU A 211 10.89 -11.44 24.17
N LEU A 212 10.25 -11.31 25.32
CA LEU A 212 10.51 -10.18 26.20
C LEU A 212 11.43 -10.68 27.30
N PRO A 213 12.22 -9.78 27.91
CA PRO A 213 13.24 -10.15 28.92
C PRO A 213 12.69 -10.87 30.14
N MET B 1 8.54 8.52 -31.54
CA MET B 1 7.18 8.65 -31.04
C MET B 1 7.00 7.76 -29.81
N PHE B 2 7.47 6.53 -29.90
CA PHE B 2 7.39 5.60 -28.77
C PHE B 2 8.06 6.21 -27.54
N THR B 3 7.32 6.29 -26.43
CA THR B 3 7.88 6.84 -25.20
C THR B 3 7.41 6.07 -23.98
N VAL B 4 8.36 5.72 -23.11
CA VAL B 4 8.03 5.07 -21.86
C VAL B 4 7.80 6.15 -20.82
N THR B 5 6.77 5.98 -19.99
CA THR B 5 6.49 6.98 -18.96
C THR B 5 6.28 6.35 -17.59
N VAL B 6 6.50 7.14 -16.54
CA VAL B 6 6.23 6.65 -15.22
C VAL B 6 5.21 7.55 -14.51
N PRO B 7 4.07 6.99 -14.12
CA PRO B 7 3.11 7.75 -13.30
C PRO B 7 3.79 8.29 -12.03
N LYS B 8 4.54 7.43 -11.34
CA LYS B 8 5.33 7.82 -10.17
C LYS B 8 6.82 7.61 -10.42
N ASP B 9 7.59 8.65 -10.14
CA ASP B 9 9.03 8.63 -10.23
C ASP B 9 9.67 8.19 -8.89
N LEU B 10 8.86 8.11 -7.83
CA LEU B 10 9.39 7.78 -6.51
C LEU B 10 8.34 7.07 -5.66
N TYR B 11 8.73 5.93 -5.07
CA TYR B 11 7.86 5.14 -4.21
C TYR B 11 8.50 4.97 -2.84
N VAL B 12 7.69 5.12 -1.80
CA VAL B 12 8.17 4.84 -0.48
C VAL B 12 7.41 3.62 0.00
N VAL B 13 8.13 2.54 0.25
CA VAL B 13 7.50 1.27 0.52
C VAL B 13 7.86 0.74 1.90
N GLU B 14 6.84 0.21 2.58
CA GLU B 14 7.00 -0.27 3.95
C GLU B 14 7.70 -1.61 4.00
N TYR B 15 8.77 -1.69 4.81
CA TYR B 15 9.51 -2.94 5.02
C TYR B 15 8.60 -4.15 5.22
N GLY B 16 8.88 -5.22 4.48
CA GLY B 16 8.15 -6.47 4.67
C GLY B 16 6.92 -6.65 3.81
N SER B 17 6.41 -5.56 3.24
CA SER B 17 5.26 -5.68 2.36
C SER B 17 5.66 -5.93 0.90
N ASN B 18 4.69 -5.77 0.02
CA ASN B 18 4.90 -5.96 -1.39
C ASN B 18 4.81 -4.61 -2.07
N MET B 19 5.66 -4.41 -3.07
CA MET B 19 5.58 -3.20 -3.87
C MET B 19 5.35 -3.54 -5.32
N THR B 20 4.61 -2.65 -5.99
CA THR B 20 4.49 -2.69 -7.44
C THR B 20 4.88 -1.32 -7.98
N ILE B 21 5.91 -1.31 -8.81
CA ILE B 21 6.31 -0.08 -9.49
C ILE B 21 5.99 -0.21 -10.98
N GLU B 22 5.61 0.89 -11.62
CA GLU B 22 5.04 0.83 -12.95
C GLU B 22 5.76 1.68 -13.98
N CYS B 23 5.82 1.15 -15.20
CA CYS B 23 6.28 1.90 -16.37
C CYS B 23 5.24 1.73 -17.45
N LYS B 24 4.84 2.82 -18.08
CA LYS B 24 3.82 2.72 -19.13
C LYS B 24 4.41 2.92 -20.52
N PHE B 25 3.86 2.18 -21.48
CA PHE B 25 4.30 2.27 -22.86
C PHE B 25 3.05 2.17 -23.74
N PRO B 26 3.06 2.81 -24.92
CA PRO B 26 1.83 2.86 -25.72
C PRO B 26 1.44 1.50 -26.30
N VAL B 27 0.17 1.14 -26.16
CA VAL B 27 -0.35 -0.04 -26.84
C VAL B 27 -1.63 0.31 -27.59
N GLU B 28 -1.66 0.05 -28.89
CA GLU B 28 -2.87 0.19 -29.67
C GLU B 28 -3.24 -1.22 -30.11
N LYS B 29 -4.45 -1.38 -30.62
CA LYS B 29 -5.00 -2.69 -30.99
C LYS B 29 -4.67 -3.81 -29.99
N GLN B 30 -4.43 -5.01 -30.50
CA GLN B 30 -4.01 -6.11 -29.64
C GLN B 30 -2.53 -5.94 -29.27
N LEU B 31 -2.16 -6.40 -28.08
CA LEU B 31 -0.75 -6.41 -27.67
C LEU B 31 -0.03 -7.61 -28.25
N ASP B 32 0.91 -7.36 -29.15
CA ASP B 32 1.65 -8.47 -29.74
C ASP B 32 2.80 -8.91 -28.84
N LEU B 33 2.50 -9.86 -27.94
CA LEU B 33 3.48 -10.41 -27.01
C LEU B 33 4.76 -10.93 -27.70
N ALA B 34 4.67 -11.20 -29.00
CA ALA B 34 5.80 -11.77 -29.74
C ALA B 34 6.94 -10.75 -29.94
N ALA B 35 6.59 -9.48 -30.06
CA ALA B 35 7.58 -8.46 -30.39
C ALA B 35 7.94 -7.60 -29.17
N LEU B 36 7.29 -7.89 -28.04
CA LEU B 36 7.45 -7.10 -26.82
C LEU B 36 8.68 -7.55 -26.03
N ILE B 37 9.50 -6.58 -25.62
CA ILE B 37 10.59 -6.83 -24.68
C ILE B 37 10.46 -5.90 -23.48
N VAL B 38 10.52 -6.46 -22.28
CA VAL B 38 10.51 -5.66 -21.07
C VAL B 38 11.63 -6.16 -20.15
N TYR B 39 12.55 -5.26 -19.78
CA TYR B 39 13.63 -5.59 -18.87
C TYR B 39 13.51 -4.69 -17.64
N TRP B 40 13.52 -5.30 -16.47
CA TRP B 40 13.60 -4.54 -15.21
C TRP B 40 14.94 -4.85 -14.58
N GLU B 41 15.70 -3.82 -14.25
CA GLU B 41 16.99 -3.99 -13.59
C GLU B 41 17.15 -2.92 -12.51
N MET B 42 18.14 -3.11 -11.63
CA MET B 42 18.44 -2.09 -10.64
C MET B 42 19.92 -2.17 -10.27
N GLU B 43 20.57 -1.02 -10.23
CA GLU B 43 22.03 -0.98 -10.11
C GLU B 43 22.64 -1.94 -11.13
N ASP B 44 23.31 -2.98 -10.66
CA ASP B 44 23.93 -3.95 -11.59
C ASP B 44 23.26 -5.32 -11.55
N LYS B 45 22.04 -5.38 -11.03
CA LYS B 45 21.31 -6.64 -10.92
C LYS B 45 20.20 -6.78 -11.96
N ASN B 46 20.09 -7.95 -12.57
CA ASN B 46 18.94 -8.25 -13.42
C ASN B 46 17.77 -8.68 -12.57
N ILE B 47 16.59 -8.15 -12.86
CA ILE B 47 15.40 -8.49 -12.09
C ILE B 47 14.46 -9.33 -12.97
N ILE B 48 13.99 -8.70 -14.04
CA ILE B 48 13.02 -9.30 -14.95
C ILE B 48 13.49 -9.15 -16.38
N GLN B 49 13.57 -10.24 -17.12
CA GLN B 49 13.66 -10.15 -18.57
C GLN B 49 12.46 -10.82 -19.19
N PHE B 50 11.70 -10.05 -19.98
CA PHE B 50 10.57 -10.58 -20.72
C PHE B 50 10.89 -10.43 -22.19
N VAL B 51 11.27 -11.54 -22.83
CA VAL B 51 11.63 -11.52 -24.25
C VAL B 51 10.93 -12.70 -24.90
N HIS B 52 10.61 -12.55 -26.18
CA HIS B 52 9.98 -13.61 -26.94
C HIS B 52 8.73 -14.13 -26.22
N GLY B 53 7.97 -13.21 -25.62
CA GLY B 53 6.71 -13.54 -24.99
C GLY B 53 6.77 -14.29 -23.67
N GLU B 54 7.97 -14.55 -23.17
CA GLU B 54 8.13 -15.28 -21.92
C GLU B 54 9.15 -14.65 -20.99
N GLU B 55 8.91 -14.77 -19.69
CA GLU B 55 9.90 -14.35 -18.72
C GLU B 55 11.14 -15.24 -18.87
N ASP B 56 12.28 -14.61 -19.09
CA ASP B 56 13.56 -15.29 -18.97
C ASP B 56 14.07 -15.04 -17.55
N LEU B 57 14.49 -16.10 -16.87
CA LEU B 57 14.91 -15.95 -15.48
C LEU B 57 16.30 -16.52 -15.28
N LYS B 58 16.94 -16.88 -16.38
CA LYS B 58 18.30 -17.40 -16.35
C LYS B 58 19.28 -16.44 -15.68
N VAL B 59 19.32 -15.20 -16.15
CA VAL B 59 20.32 -14.25 -15.71
C VAL B 59 19.80 -13.39 -14.56
N GLN B 60 18.67 -13.80 -13.98
CA GLN B 60 18.07 -13.09 -12.86
C GLN B 60 18.90 -13.23 -11.60
N HIS B 61 18.93 -12.16 -10.80
CA HIS B 61 19.74 -12.13 -9.59
C HIS B 61 19.16 -12.98 -8.47
N SER B 62 20.06 -13.47 -7.62
CA SER B 62 19.70 -14.34 -6.51
C SER B 62 18.71 -13.66 -5.58
N SER B 63 18.94 -12.37 -5.31
CA SER B 63 18.09 -11.58 -4.42
C SER B 63 16.60 -11.68 -4.73
N TYR B 64 16.26 -11.98 -5.99
CA TYR B 64 14.88 -11.84 -6.46
C TYR B 64 14.22 -13.14 -6.78
N ARG B 65 14.93 -14.24 -6.51
CA ARG B 65 14.58 -15.55 -7.07
C ARG B 65 13.09 -15.86 -7.15
N GLN B 66 12.40 -16.02 -6.02
CA GLN B 66 10.97 -16.30 -6.07
C GLN B 66 10.15 -15.13 -5.52
N ARG B 67 10.63 -13.91 -5.70
CA ARG B 67 9.89 -12.76 -5.20
C ARG B 67 9.75 -11.58 -6.16
N ALA B 68 10.15 -11.75 -7.42
CA ALA B 68 9.93 -10.73 -8.45
C ALA B 68 9.16 -11.28 -9.65
N ARG B 69 8.15 -10.54 -10.10
CA ARG B 69 7.41 -10.93 -11.29
C ARG B 69 6.81 -9.74 -12.02
N LEU B 70 6.59 -9.91 -13.31
CA LEU B 70 5.99 -8.88 -14.14
C LEU B 70 4.52 -9.24 -14.31
N LEU B 71 3.63 -8.34 -13.92
CA LEU B 71 2.21 -8.64 -13.93
C LEU B 71 1.75 -8.65 -15.37
N LYS B 72 1.64 -9.83 -15.96
CA LYS B 72 1.34 -9.96 -17.40
C LYS B 72 -0.07 -9.45 -17.65
N ASP B 73 -0.86 -9.50 -16.59
CA ASP B 73 -2.17 -8.87 -16.52
C ASP B 73 -2.15 -7.46 -17.11
N GLN B 74 -1.18 -6.65 -16.68
CA GLN B 74 -1.14 -5.24 -17.05
C GLN B 74 -0.52 -4.97 -18.42
N LEU B 75 0.28 -5.91 -18.94
CA LEU B 75 0.99 -5.73 -20.21
C LEU B 75 0.04 -5.41 -21.35
N SER B 76 -1.11 -6.06 -21.30
CA SER B 76 -2.18 -5.84 -22.25
C SER B 76 -2.55 -4.35 -22.27
N LEU B 77 -2.57 -3.73 -21.10
CA LEU B 77 -2.96 -2.34 -20.96
C LEU B 77 -1.83 -1.34 -21.28
N GLY B 78 -0.62 -1.84 -21.51
CA GLY B 78 0.52 -0.97 -21.75
C GLY B 78 1.14 -0.53 -20.44
N ASN B 79 0.93 -1.32 -19.41
CA ASN B 79 1.50 -1.04 -18.11
C ASN B 79 2.42 -2.18 -17.76
N ALA B 80 3.72 -1.92 -17.74
CA ALA B 80 4.67 -2.95 -17.34
C ALA B 80 4.90 -2.80 -15.86
N ALA B 81 4.23 -3.65 -15.09
CA ALA B 81 4.26 -3.53 -13.65
C ALA B 81 5.16 -4.59 -13.03
N LEU B 82 6.16 -4.12 -12.29
CA LEU B 82 7.04 -5.02 -11.55
C LEU B 82 6.56 -5.13 -10.11
N GLN B 83 6.40 -6.35 -9.62
CA GLN B 83 5.98 -6.58 -8.25
C GLN B 83 7.10 -7.33 -7.54
N ILE B 84 7.54 -6.78 -6.43
CA ILE B 84 8.46 -7.49 -5.59
C ILE B 84 7.81 -7.73 -4.24
N THR B 85 7.88 -8.97 -3.76
CA THR B 85 7.28 -9.34 -2.48
C THR B 85 8.32 -9.32 -1.35
N ASP B 86 7.85 -9.13 -0.12
CA ASP B 86 8.70 -9.24 1.05
C ASP B 86 9.87 -8.25 0.96
N VAL B 87 9.54 -6.98 0.76
CA VAL B 87 10.55 -5.94 0.51
C VAL B 87 11.47 -5.68 1.71
N LYS B 88 12.78 -5.71 1.46
CA LYS B 88 13.80 -5.46 2.49
C LYS B 88 14.53 -4.13 2.23
N LEU B 89 15.40 -3.75 3.17
CA LEU B 89 16.12 -2.50 3.06
C LEU B 89 17.02 -2.52 1.83
N GLN B 90 17.50 -3.70 1.48
CA GLN B 90 18.38 -3.85 0.31
C GLN B 90 17.68 -3.54 -1.01
N ASP B 91 16.36 -3.52 -1.02
CA ASP B 91 15.62 -3.28 -2.26
C ASP B 91 15.53 -1.80 -2.59
N ALA B 92 15.94 -0.94 -1.67
CA ALA B 92 15.92 0.50 -1.93
C ALA B 92 17.00 0.84 -2.94
N GLY B 93 16.67 1.76 -3.84
CA GLY B 93 17.63 2.20 -4.84
C GLY B 93 16.93 2.66 -6.10
N VAL B 94 17.70 2.80 -7.18
CA VAL B 94 17.14 3.25 -8.45
C VAL B 94 16.85 2.08 -9.40
N TYR B 95 15.58 1.94 -9.77
CA TYR B 95 15.16 0.86 -10.66
C TYR B 95 15.07 1.44 -12.06
N ARG B 96 15.10 0.59 -13.09
CA ARG B 96 14.96 1.08 -14.47
C ARG B 96 14.22 0.06 -15.33
N CYS B 97 13.24 0.54 -16.09
CA CYS B 97 12.54 -0.35 -17.00
C CYS B 97 13.02 -0.01 -18.39
N MET B 98 13.31 -1.04 -19.20
CA MET B 98 13.66 -0.84 -20.60
C MET B 98 12.59 -1.57 -21.38
N ILE B 99 11.91 -0.88 -22.28
CA ILE B 99 10.79 -1.47 -22.98
C ILE B 99 10.95 -1.27 -24.47
N SER B 100 10.81 -2.36 -25.24
CA SER B 100 10.77 -2.28 -26.70
C SER B 100 9.48 -2.86 -27.25
N TYR B 101 8.70 -2.02 -27.93
CA TYR B 101 7.45 -2.44 -28.56
C TYR B 101 7.13 -1.45 -29.68
N GLY B 102 7.67 -1.72 -30.87
CA GLY B 102 7.59 -0.80 -31.98
C GLY B 102 8.23 0.51 -31.58
N GLY B 103 9.53 0.46 -31.30
CA GLY B 103 10.22 1.59 -30.70
C GLY B 103 10.80 1.16 -29.36
N ALA B 104 11.61 2.01 -28.75
CA ALA B 104 12.24 1.62 -27.49
C ALA B 104 12.56 2.83 -26.61
N ASP B 105 12.34 2.67 -25.32
CA ASP B 105 12.60 3.76 -24.37
C ASP B 105 12.83 3.17 -22.98
N TYR B 106 13.17 4.03 -22.04
CA TYR B 106 13.42 3.55 -20.69
C TYR B 106 13.12 4.70 -19.73
N LYS B 107 12.81 4.35 -18.50
CA LYS B 107 12.69 5.33 -17.41
C LYS B 107 13.27 4.78 -16.14
N ARG B 108 13.59 5.67 -15.21
CA ARG B 108 14.09 5.28 -13.90
C ARG B 108 13.09 5.62 -12.81
N ILE B 109 13.09 4.81 -11.75
CA ILE B 109 12.21 5.02 -10.62
C ILE B 109 13.04 4.82 -9.36
N THR B 110 12.97 5.77 -8.42
CA THR B 110 13.60 5.56 -7.11
C THR B 110 12.63 4.92 -6.12
N VAL B 111 13.14 3.93 -5.39
CA VAL B 111 12.36 3.28 -4.35
C VAL B 111 13.06 3.50 -3.00
N LYS B 112 12.33 4.02 -2.02
CA LYS B 112 12.84 4.14 -0.65
C LYS B 112 12.09 3.17 0.25
N VAL B 113 12.83 2.50 1.15
CA VAL B 113 12.19 1.52 2.02
C VAL B 113 12.08 2.06 3.44
N ASN B 114 10.87 2.01 4.01
CA ASN B 114 10.60 2.48 5.36
C ASN B 114 10.38 1.32 6.31
N ALA B 115 11.07 1.33 7.45
CA ALA B 115 10.97 0.23 8.40
C ALA B 115 10.46 0.75 9.73
N PRO B 116 9.14 0.91 9.85
CA PRO B 116 8.59 1.61 11.01
C PRO B 116 8.48 0.72 12.24
N TYR B 117 8.45 1.35 13.41
CA TYR B 117 8.24 0.64 14.67
C TYR B 117 6.73 0.58 14.91
N ASN B 118 5.99 -0.10 14.04
CA ASN B 118 4.55 -0.05 14.13
C ASN B 118 3.89 -1.35 14.57
N LYS B 119 4.70 -2.39 14.74
CA LYS B 119 4.20 -3.62 15.32
C LYS B 119 4.68 -3.65 16.77
N ILE B 120 3.90 -3.08 17.68
CA ILE B 120 4.35 -2.93 19.08
C ILE B 120 3.83 -4.05 19.98
N ASN B 121 4.75 -4.66 20.72
CA ASN B 121 4.42 -5.71 21.66
C ASN B 121 4.55 -5.14 23.08
N GLN B 122 3.71 -5.62 23.99
CA GLN B 122 3.70 -5.06 25.35
C GLN B 122 3.43 -6.09 26.43
N ARG B 123 3.74 -5.71 27.67
CA ARG B 123 3.46 -6.57 28.80
C ARG B 123 3.31 -5.69 30.02
N ILE B 124 2.37 -6.07 30.88
CA ILE B 124 2.11 -5.38 32.14
C ILE B 124 2.20 -6.44 33.22
N LEU B 125 3.15 -6.27 34.13
CA LEU B 125 3.38 -7.23 35.20
C LEU B 125 3.32 -6.51 36.51
N VAL B 126 2.58 -7.10 37.45
CA VAL B 126 2.60 -6.67 38.85
C VAL B 126 3.89 -7.15 39.50
N VAL B 127 4.70 -6.22 39.97
CA VAL B 127 5.98 -6.57 40.57
C VAL B 127 5.83 -6.71 42.11
N ASP B 128 4.82 -6.05 42.66
CA ASP B 128 4.54 -6.06 44.11
C ASP B 128 3.15 -5.46 44.31
N PRO B 129 2.16 -6.31 44.60
CA PRO B 129 0.78 -5.84 44.73
C PRO B 129 0.50 -4.99 45.98
N VAL B 130 1.31 -5.14 47.03
CA VAL B 130 1.07 -4.36 48.24
C VAL B 130 1.31 -2.89 47.96
N THR B 131 2.37 -2.60 47.22
CA THR B 131 2.71 -1.22 46.86
C THR B 131 2.22 -0.86 45.46
N SER B 132 1.44 -1.76 44.86
CA SER B 132 0.95 -1.60 43.49
C SER B 132 2.03 -1.20 42.48
N GLU B 133 3.24 -1.68 42.69
CA GLU B 133 4.29 -1.45 41.73
C GLU B 133 4.09 -2.34 40.50
N HIS B 134 4.18 -1.75 39.32
CA HIS B 134 4.06 -2.53 38.10
C HIS B 134 5.27 -2.35 37.25
N GLU B 135 5.49 -3.30 36.34
CA GLU B 135 6.55 -3.14 35.39
C GLU B 135 5.88 -3.20 34.04
N LEU B 136 6.12 -2.18 33.22
CA LEU B 136 5.51 -2.13 31.89
C LEU B 136 6.59 -2.20 30.85
N THR B 137 6.35 -2.99 29.80
CA THR B 137 7.34 -3.22 28.74
C THR B 137 6.71 -2.98 27.37
N CYS B 138 7.43 -2.31 26.49
CA CYS B 138 7.04 -2.19 25.08
C CYS B 138 8.24 -2.57 24.28
N GLN B 139 8.01 -3.22 23.14
CA GLN B 139 9.09 -3.68 22.32
C GLN B 139 8.64 -3.69 20.85
N ALA B 140 9.51 -3.23 19.97
CA ALA B 140 9.18 -3.19 18.54
C ALA B 140 10.49 -3.16 17.76
N GLU B 141 10.39 -3.48 16.48
CA GLU B 141 11.57 -3.54 15.61
C GLU B 141 11.38 -2.60 14.43
N GLY B 142 12.49 -2.10 13.88
CA GLY B 142 12.48 -1.19 12.75
C GLY B 142 13.86 -0.65 12.43
N TYR B 143 13.94 0.32 11.53
CA TYR B 143 15.21 0.94 11.18
C TYR B 143 15.02 2.42 10.82
N PRO B 144 15.96 3.28 11.26
CA PRO B 144 17.09 3.01 12.16
C PRO B 144 16.66 3.02 13.63
N LYS B 145 17.58 3.29 14.54
CA LYS B 145 17.27 3.21 15.99
C LYS B 145 16.18 4.18 16.40
N ALA B 146 15.32 3.74 17.30
CA ALA B 146 14.27 4.57 17.86
C ALA B 146 14.47 4.72 19.36
N GLU B 147 14.04 5.85 19.90
CA GLU B 147 13.97 6.04 21.33
C GLU B 147 12.57 5.75 21.80
N VAL B 148 12.41 5.40 23.08
CA VAL B 148 11.08 5.16 23.60
C VAL B 148 10.71 6.28 24.58
N ILE B 149 9.50 6.80 24.43
CA ILE B 149 8.98 7.82 25.32
C ILE B 149 7.75 7.33 26.08
N TRP B 150 7.83 7.37 27.41
CA TRP B 150 6.73 6.95 28.29
C TRP B 150 5.93 8.15 28.79
N THR B 151 4.62 8.12 28.55
CA THR B 151 3.72 9.16 29.06
C THR B 151 2.52 8.53 29.75
N SER B 152 1.73 9.34 30.45
CA SER B 152 0.55 8.81 31.12
C SER B 152 -0.64 9.73 30.94
N SER B 153 -1.83 9.19 31.19
CA SER B 153 -3.07 9.96 31.10
C SER B 153 -3.05 11.10 32.11
N ASP B 154 -2.45 10.85 33.28
CA ASP B 154 -2.33 11.88 34.31
C ASP B 154 -1.15 12.82 34.03
N HIS B 155 -0.53 12.61 32.87
CA HIS B 155 0.50 13.52 32.34
C HIS B 155 1.71 13.69 33.26
N GLN B 156 2.20 12.59 33.83
CA GLN B 156 3.36 12.63 34.70
C GLN B 156 4.68 12.44 33.95
N VAL B 157 5.79 12.63 34.68
CA VAL B 157 7.13 12.50 34.12
C VAL B 157 7.66 11.07 34.33
N LEU B 158 7.84 10.36 33.23
CA LEU B 158 8.23 8.96 33.30
C LEU B 158 9.57 8.68 32.62
N SER B 159 10.38 7.87 33.30
CA SER B 159 11.70 7.52 32.81
C SER B 159 11.89 6.02 32.88
N GLY B 160 11.95 5.37 31.72
CA GLY B 160 12.20 3.95 31.65
C GLY B 160 13.64 3.65 31.24
N LYS B 161 13.97 2.36 31.16
CA LYS B 161 15.28 1.88 30.71
C LYS B 161 15.11 1.17 29.37
N THR B 162 15.91 1.57 28.39
CA THR B 162 15.77 1.09 27.03
C THR B 162 16.99 0.32 26.55
N THR B 163 16.78 -0.85 25.98
CA THR B 163 17.86 -1.63 25.40
C THR B 163 17.66 -1.74 23.88
N THR B 164 18.71 -1.44 23.12
CA THR B 164 18.65 -1.56 21.67
C THR B 164 19.66 -2.60 21.20
N THR B 165 19.18 -3.64 20.52
CA THR B 165 20.02 -4.74 20.08
C THR B 165 19.69 -5.04 18.62
N ASN B 166 20.51 -5.86 17.98
CA ASN B 166 20.21 -6.33 16.63
C ASN B 166 19.03 -7.30 16.64
N SER B 167 18.09 -7.08 15.73
CA SER B 167 16.97 -8.00 15.59
C SER B 167 17.48 -9.39 15.24
N LYS B 168 16.92 -10.40 15.87
CA LYS B 168 17.36 -11.77 15.62
C LYS B 168 16.67 -12.33 14.38
N ARG B 169 15.44 -11.88 14.12
CA ARG B 169 14.65 -12.40 13.00
C ARG B 169 14.89 -11.63 11.71
N GLU B 170 15.10 -10.32 11.82
CA GLU B 170 15.29 -9.49 10.64
C GLU B 170 16.69 -8.86 10.68
N GLU B 171 17.58 -9.39 9.85
CA GLU B 171 19.01 -9.09 9.93
C GLU B 171 19.38 -7.62 10.10
N LYS B 172 18.81 -6.74 9.27
CA LYS B 172 19.23 -5.35 9.25
C LYS B 172 18.51 -4.44 10.27
N LEU B 173 17.46 -4.95 10.92
CA LEU B 173 16.68 -4.12 11.83
C LEU B 173 17.17 -4.13 13.28
N PHE B 174 16.74 -3.13 14.03
CA PHE B 174 17.05 -3.01 15.45
C PHE B 174 15.86 -3.44 16.28
N ASN B 175 16.11 -4.21 17.34
CA ASN B 175 15.06 -4.52 18.30
C ASN B 175 15.16 -3.58 19.51
N VAL B 176 14.09 -2.84 19.77
CA VAL B 176 14.12 -1.84 20.82
C VAL B 176 13.11 -2.17 21.89
N THR B 177 13.59 -2.31 23.14
CA THR B 177 12.80 -2.76 24.27
C THR B 177 12.93 -1.76 25.40
N SER B 178 11.80 -1.30 25.91
CA SER B 178 11.86 -0.35 27.01
C SER B 178 11.00 -0.83 28.15
N THR B 179 11.50 -0.62 29.37
CA THR B 179 10.82 -1.09 30.56
C THR B 179 10.65 0.06 31.54
N LEU B 180 9.45 0.19 32.11
CA LEU B 180 9.15 1.29 33.01
C LEU B 180 8.63 0.70 34.31
N ARG B 181 9.21 1.14 35.42
CA ARG B 181 8.74 0.70 36.73
C ARG B 181 7.95 1.85 37.34
N ILE B 182 6.72 1.58 37.73
CA ILE B 182 5.83 2.62 38.21
C ILE B 182 4.87 2.06 39.26
N ASN B 183 4.47 2.89 40.22
CA ASN B 183 3.40 2.53 41.15
C ASN B 183 2.12 3.12 40.61
N THR B 184 1.11 2.29 40.40
CA THR B 184 -0.09 2.78 39.73
C THR B 184 -1.37 2.22 40.28
N THR B 185 -2.41 3.04 40.18
CA THR B 185 -3.78 2.62 40.47
C THR B 185 -4.36 2.00 39.20
N THR B 186 -5.26 1.03 39.37
CA THR B 186 -5.83 0.30 38.23
C THR B 186 -6.62 1.20 37.26
N ASN B 187 -6.61 0.81 35.98
CA ASN B 187 -7.35 1.49 34.91
C ASN B 187 -6.86 2.91 34.56
N GLU B 188 -5.68 3.27 35.04
CA GLU B 188 -4.99 4.46 34.55
C GLU B 188 -4.28 4.03 33.28
N ILE B 189 -4.09 4.94 32.34
CA ILE B 189 -3.55 4.56 31.04
C ILE B 189 -2.14 5.10 30.82
N PHE B 190 -1.28 4.24 30.31
CA PHE B 190 0.09 4.63 29.97
C PHE B 190 0.36 4.47 28.47
N TYR B 191 1.28 5.28 27.95
CA TYR B 191 1.62 5.24 26.54
C TYR B 191 3.13 5.07 26.35
N CYS B 192 3.51 4.15 25.46
CA CYS B 192 4.90 4.05 25.05
C CYS B 192 4.99 4.45 23.60
N THR B 193 5.78 5.48 23.32
CA THR B 193 5.93 6.00 21.97
C THR B 193 7.32 5.69 21.46
N PHE B 194 7.37 5.00 20.33
CA PHE B 194 8.62 4.80 19.62
C PHE B 194 8.82 5.99 18.71
N ARG B 195 9.83 6.81 19.02
CA ARG B 195 10.18 7.95 18.20
C ARG B 195 11.39 7.58 17.36
N ARG B 196 11.24 7.74 16.05
CA ARG B 196 12.26 7.34 15.12
C ARG B 196 12.46 8.50 14.15
N LEU B 197 13.66 8.63 13.62
CA LEU B 197 13.94 9.71 12.66
C LEU B 197 14.20 9.23 11.24
N ASP B 198 14.21 10.19 10.31
CA ASP B 198 14.57 9.97 8.90
C ASP B 198 13.70 8.96 8.11
N PRO B 199 12.42 9.30 7.87
CA PRO B 199 11.77 10.52 8.37
C PRO B 199 11.24 10.34 9.79
N GLU B 200 10.94 11.45 10.46
CA GLU B 200 10.37 11.40 11.80
C GLU B 200 9.03 10.69 11.76
N GLU B 201 8.89 9.71 12.64
CA GLU B 201 7.71 8.86 12.70
C GLU B 201 7.51 8.46 14.15
N ASN B 202 6.28 8.62 14.64
CA ASN B 202 5.96 8.27 16.03
C ASN B 202 4.88 7.19 16.04
N HIS B 203 5.15 6.10 16.74
CA HIS B 203 4.17 5.05 16.90
C HIS B 203 4.03 4.75 18.38
N THR B 204 2.78 4.67 18.85
CA THR B 204 2.51 4.55 20.27
C THR B 204 1.53 3.43 20.56
N ALA B 205 1.79 2.70 21.64
CA ALA B 205 0.87 1.69 22.13
C ALA B 205 0.28 2.18 23.43
N GLU B 206 -0.97 1.79 23.66
CA GLU B 206 -1.69 2.14 24.87
C GLU B 206 -1.59 0.95 25.82
N LEU B 207 -1.13 1.20 27.04
CA LEU B 207 -1.10 0.15 28.05
C LEU B 207 -2.10 0.45 29.15
N VAL B 208 -3.03 -0.48 29.35
CA VAL B 208 -4.09 -0.29 30.32
C VAL B 208 -3.93 -1.25 31.49
N ILE B 209 -3.69 -0.69 32.68
CA ILE B 209 -3.52 -1.49 33.88
C ILE B 209 -4.86 -2.11 34.25
N PRO B 210 -4.89 -3.45 34.35
CA PRO B 210 -6.09 -4.20 34.74
C PRO B 210 -6.46 -3.99 36.21
CL CL C . -15.23 -12.26 12.58
#